data_8RV1
#
_entry.id   8RV1
#
_cell.length_a   130.760
_cell.length_b   38.120
_cell.length_c   42.400
_cell.angle_alpha   90.000
_cell.angle_beta   90.000
_cell.angle_gamma   90.000
#
_symmetry.space_group_name_H-M   'P 21 21 2'
#
loop_
_entity.id
_entity.type
_entity.pdbx_description
1 polymer 'Egl nine homolog 1'
2 polymer 'Endothelial PAS domain-containing protein 1'
3 non-polymer 'ACETATE ION'
4 water water
#
loop_
_entity_poly.entity_id
_entity_poly.type
_entity_poly.pdbx_seq_one_letter_code
_entity_poly.pdbx_strand_id
1 'polypeptide(L)'
;PNGQTKPLPALKLALEYIVPCMNKHGICVVDDFLGKETGQQIGDEVRALHDTGKFTDGQLVSQKSDSSKDIRGDKITWIE
GKEPGCETIGLLMSSMDDLIRHCNGKLGSYKINGRTKAMVACYPGNGTGYVRHVDNPNGDGRCVTCIYYLNKDWDAKVSG
GILRIFPEGKAQFADIEPKFDRLLFFWSDRRNPHEVQPAYATRYAISVWYFDADERARAKVKYLTGE
;
A
2 'polypeptide(L)' ELDLETLA(HYP)YIPMDGEDFQL B
#
loop_
_chem_comp.id
_chem_comp.type
_chem_comp.name
_chem_comp.formula
ACT non-polymer 'ACETATE ION' 'C2 H3 O2 -1'
#
# COMPACT_ATOMS: atom_id res chain seq x y z
N LEU A 8 -0.33 19.68 -2.28
CA LEU A 8 0.71 20.63 -1.87
C LEU A 8 1.93 20.42 -2.77
N PRO A 9 2.77 21.44 -2.90
CA PRO A 9 3.94 21.31 -3.78
C PRO A 9 4.81 20.12 -3.39
N ALA A 10 5.19 19.32 -4.39
CA ALA A 10 5.82 18.05 -4.11
C ALA A 10 7.22 18.23 -3.54
N LEU A 11 7.97 19.20 -4.05
CA LEU A 11 9.37 19.33 -3.66
C LEU A 11 9.52 19.50 -2.16
N LYS A 12 8.84 20.51 -1.58
CA LYS A 12 8.97 20.73 -0.14
C LYS A 12 8.39 19.60 0.68
N LEU A 13 7.24 19.07 0.30
CA LEU A 13 6.66 17.96 1.05
C LEU A 13 7.63 16.77 1.08
N ALA A 14 8.23 16.45 -0.06
CA ALA A 14 9.16 15.35 -0.13
C ALA A 14 10.39 15.62 0.70
N LEU A 15 11.05 16.75 0.47
CA LEU A 15 12.38 16.91 1.03
C LEU A 15 12.36 17.31 2.50
N GLU A 16 11.36 18.07 2.92
CA GLU A 16 11.35 18.61 4.27
C GLU A 16 10.48 17.82 5.22
N TYR A 17 9.64 16.92 4.72
CA TYR A 17 8.83 16.09 5.59
C TYR A 17 8.99 14.61 5.31
N ILE A 18 8.71 14.15 4.09
CA ILE A 18 8.66 12.72 3.86
C ILE A 18 10.02 12.08 4.06
N VAL A 19 11.06 12.67 3.47
CA VAL A 19 12.40 12.09 3.58
C VAL A 19 12.86 11.98 5.03
N PRO A 20 12.89 13.05 5.83
CA PRO A 20 13.33 12.88 7.20
C PRO A 20 12.44 11.98 8.02
N CYS A 21 11.13 12.03 7.77
N CYS A 21 11.14 11.98 7.78
CA CYS A 21 10.23 11.13 8.49
CA CYS A 21 10.28 11.11 8.54
C CYS A 21 10.61 9.69 8.21
C CYS A 21 10.53 9.65 8.21
N MET A 22 10.76 9.34 6.94
CA MET A 22 11.05 7.96 6.57
C MET A 22 12.40 7.52 7.13
N ASN A 23 13.42 8.37 7.00
CA ASN A 23 14.74 7.92 7.42
C ASN A 23 14.80 7.77 8.94
N LYS A 24 14.08 8.62 9.69
CA LYS A 24 14.10 8.51 11.16
C LYS A 24 13.19 7.40 11.68
N HIS A 25 12.00 7.24 11.09
CA HIS A 25 10.95 6.41 11.67
C HIS A 25 10.49 5.27 10.78
N GLY A 26 10.74 5.34 9.48
CA GLY A 26 10.31 4.33 8.55
C GLY A 26 8.84 4.34 8.26
N ILE A 27 8.13 5.37 8.72
CA ILE A 27 6.69 5.56 8.57
C ILE A 27 6.44 7.06 8.43
N CYS A 28 5.54 7.43 7.54
CA CYS A 28 5.24 8.85 7.32
C CYS A 28 3.79 8.98 6.91
N VAL A 29 3.05 9.83 7.63
CA VAL A 29 1.64 10.09 7.34
C VAL A 29 1.49 11.53 6.86
N VAL A 30 0.83 11.69 5.73
CA VAL A 30 0.47 13.00 5.16
C VAL A 30 -1.06 13.05 5.16
N ASP A 31 -1.64 13.87 6.01
CA ASP A 31 -3.10 13.98 6.04
C ASP A 31 -3.57 15.05 5.05
N ASP A 32 -4.82 14.93 4.66
CA ASP A 32 -5.46 15.88 3.74
C ASP A 32 -4.59 16.05 2.49
N PHE A 33 -4.28 14.92 1.86
CA PHE A 33 -3.32 14.89 0.77
C PHE A 33 -3.85 15.57 -0.49
N LEU A 34 -5.06 15.19 -0.95
CA LEU A 34 -5.58 15.69 -2.23
C LEU A 34 -6.75 16.64 -2.08
N GLY A 35 -7.31 16.75 -0.88
CA GLY A 35 -8.49 17.54 -0.67
C GLY A 35 -9.78 16.78 -0.84
N LYS A 36 -10.84 17.40 -0.34
CA LYS A 36 -12.14 16.75 -0.23
C LYS A 36 -12.72 16.39 -1.61
N GLU A 37 -12.68 17.33 -2.56
N GLU A 37 -12.68 17.33 -2.56
CA GLU A 37 -13.29 17.06 -3.85
CA GLU A 37 -13.29 17.06 -3.85
C GLU A 37 -12.65 15.87 -4.54
C GLU A 37 -12.65 15.87 -4.54
N THR A 38 -11.32 15.89 -4.65
CA THR A 38 -10.64 14.77 -5.31
C THR A 38 -10.81 13.48 -4.52
N GLY A 39 -10.69 13.54 -3.20
CA GLY A 39 -10.89 12.34 -2.40
C GLY A 39 -12.26 11.69 -2.61
N GLN A 40 -13.32 12.51 -2.68
CA GLN A 40 -14.64 11.95 -2.94
C GLN A 40 -14.76 11.41 -4.36
N GLN A 41 -14.04 12.00 -5.32
CA GLN A 41 -14.08 11.45 -6.68
C GLN A 41 -13.40 10.08 -6.72
N ILE A 42 -12.30 9.92 -6.01
CA ILE A 42 -11.66 8.61 -5.88
C ILE A 42 -12.62 7.64 -5.24
N GLY A 43 -13.28 8.05 -4.16
CA GLY A 43 -14.26 7.19 -3.51
C GLY A 43 -15.34 6.70 -4.47
N ASP A 44 -15.85 7.59 -5.32
CA ASP A 44 -16.88 7.19 -6.27
C ASP A 44 -16.33 6.17 -7.27
N GLU A 45 -15.10 6.39 -7.74
CA GLU A 45 -14.48 5.44 -8.67
C GLU A 45 -14.27 4.08 -8.02
N VAL A 46 -13.86 4.06 -6.76
CA VAL A 46 -13.64 2.80 -6.05
C VAL A 46 -14.97 2.10 -5.82
N ARG A 47 -16.00 2.85 -5.43
CA ARG A 47 -17.29 2.23 -5.18
C ARG A 47 -17.88 1.67 -6.46
N ALA A 48 -17.55 2.27 -7.60
CA ALA A 48 -18.03 1.72 -8.86
C ALA A 48 -17.30 0.44 -9.25
N LEU A 49 -15.98 0.36 -8.98
CA LEU A 49 -15.30 -0.92 -9.17
C LEU A 49 -15.94 -2.01 -8.30
N HIS A 50 -16.26 -1.67 -7.05
CA HIS A 50 -16.89 -2.61 -6.13
C HIS A 50 -18.25 -3.06 -6.66
N ASP A 51 -19.09 -2.10 -7.05
CA ASP A 51 -20.43 -2.40 -7.46
C ASP A 51 -20.50 -3.16 -8.77
N THR A 52 -19.49 -3.05 -9.62
CA THR A 52 -19.48 -3.76 -10.91
C THR A 52 -18.73 -5.07 -10.84
N GLY A 53 -18.40 -5.55 -9.66
CA GLY A 53 -17.90 -6.91 -9.55
C GLY A 53 -16.44 -7.07 -9.89
N LYS A 54 -15.66 -6.01 -9.84
CA LYS A 54 -14.25 -6.12 -10.22
C LYS A 54 -13.38 -6.77 -9.14
N PHE A 55 -13.81 -6.81 -7.87
CA PHE A 55 -12.89 -7.23 -6.83
C PHE A 55 -12.85 -8.76 -6.72
N THR A 56 -11.64 -9.30 -6.46
CA THR A 56 -11.44 -10.72 -6.21
C THR A 56 -10.61 -10.92 -4.95
N ASP A 57 -10.62 -12.13 -4.40
CA ASP A 57 -9.94 -12.35 -3.11
C ASP A 57 -8.48 -11.91 -3.17
N GLY A 58 -8.03 -11.17 -2.15
CA GLY A 58 -6.62 -10.84 -2.07
C GLY A 58 -5.77 -12.10 -1.95
N GLN A 59 -4.61 -12.06 -2.57
CA GLN A 59 -3.73 -13.22 -2.71
C GLN A 59 -2.39 -12.98 -2.02
N LEU A 60 -1.65 -14.07 -1.85
CA LEU A 60 -0.38 -14.05 -1.14
C LEU A 60 0.79 -14.38 -2.07
N VAL A 61 1.98 -13.98 -1.66
CA VAL A 61 3.16 -14.19 -2.50
C VAL A 61 3.37 -15.69 -2.75
N SER A 62 3.30 -16.50 -1.68
CA SER A 62 3.46 -17.94 -1.71
CA SER A 62 3.46 -17.94 -1.71
C SER A 62 2.20 -18.55 -1.11
N GLN A 63 1.71 -19.64 -1.71
CA GLN A 63 0.47 -20.33 -1.34
C GLN A 63 0.86 -21.78 -1.05
N LYS A 64 0.35 -22.32 0.06
CA LYS A 64 0.62 -23.64 0.58
C LYS A 64 -0.79 -24.19 0.77
N SER A 65 -1.06 -24.91 1.85
CA SER A 65 -2.42 -25.47 2.02
C SER A 65 -3.49 -24.46 2.43
N ASP A 66 -3.16 -23.29 2.93
CA ASP A 66 -4.14 -22.46 3.60
C ASP A 66 -5.06 -21.70 2.63
N SER A 67 -6.32 -21.54 3.05
CA SER A 67 -7.18 -20.57 2.40
C SER A 67 -6.63 -19.16 2.57
N SER A 68 -6.58 -18.40 1.47
CA SER A 68 -6.16 -17.02 1.56
C SER A 68 -6.98 -16.23 2.57
N LYS A 69 -8.26 -16.58 2.74
CA LYS A 69 -9.16 -15.80 3.62
C LYS A 69 -8.84 -15.97 5.09
N ASP A 70 -8.06 -16.98 5.48
CA ASP A 70 -7.59 -17.06 6.86
C ASP A 70 -6.40 -16.14 7.12
N ILE A 71 -5.87 -15.55 6.07
CA ILE A 71 -4.73 -14.65 6.14
C ILE A 71 -5.16 -13.20 5.90
N ARG A 72 -5.85 -12.95 4.79
CA ARG A 72 -6.31 -11.61 4.46
C ARG A 72 -7.75 -11.70 3.96
N GLY A 73 -8.60 -10.85 4.47
CA GLY A 73 -10.00 -10.95 4.12
C GLY A 73 -10.50 -9.89 3.17
N ASP A 74 -9.61 -9.21 2.47
CA ASP A 74 -9.97 -8.16 1.55
C ASP A 74 -10.20 -8.70 0.14
N LYS A 75 -10.85 -7.87 -0.67
CA LYS A 75 -11.09 -8.15 -2.08
C LYS A 75 -10.54 -6.96 -2.86
N ILE A 76 -9.84 -7.24 -3.96
CA ILE A 76 -8.99 -6.25 -4.61
C ILE A 76 -9.13 -6.31 -6.12
N THR A 77 -8.67 -5.23 -6.76
CA THR A 77 -8.38 -5.24 -8.21
C THR A 77 -7.17 -4.38 -8.44
N TRP A 78 -6.51 -4.61 -9.56
CA TRP A 78 -5.30 -3.89 -9.95
C TRP A 78 -5.64 -2.86 -11.02
N ILE A 79 -5.19 -1.64 -10.81
CA ILE A 79 -5.50 -0.50 -11.67
C ILE A 79 -4.20 0.11 -12.19
N GLU A 80 -4.14 0.28 -13.51
CA GLU A 80 -2.95 0.85 -14.18
CA GLU A 80 -2.95 0.84 -14.16
C GLU A 80 -2.97 2.37 -14.15
N GLY A 81 -4.16 2.97 -14.10
CA GLY A 81 -4.34 4.41 -14.02
C GLY A 81 -5.00 5.02 -15.23
N LYS A 82 -4.99 4.36 -16.36
CA LYS A 82 -5.51 4.92 -17.60
C LYS A 82 -6.89 4.36 -17.96
N GLU A 83 -7.47 3.50 -17.13
CA GLU A 83 -8.72 2.87 -17.51
C GLU A 83 -9.87 3.88 -17.44
N PRO A 84 -10.84 3.79 -18.36
CA PRO A 84 -12.02 4.66 -18.25
C PRO A 84 -12.69 4.46 -16.90
N GLY A 85 -13.06 5.57 -16.26
CA GLY A 85 -13.68 5.49 -14.96
C GLY A 85 -12.74 5.39 -13.80
N CYS A 86 -11.42 5.37 -14.05
CA CYS A 86 -10.41 5.38 -13.01
C CYS A 86 -9.50 6.61 -13.12
N GLU A 87 -9.98 7.67 -13.75
CA GLU A 87 -9.09 8.80 -14.05
C GLU A 87 -8.57 9.46 -12.78
N THR A 88 -9.41 9.58 -11.75
CA THR A 88 -8.95 10.21 -10.51
C THR A 88 -8.03 9.29 -9.73
N ILE A 89 -8.26 7.98 -9.77
CA ILE A 89 -7.27 7.04 -9.25
C ILE A 89 -5.93 7.26 -9.96
N GLY A 90 -5.97 7.48 -11.27
CA GLY A 90 -4.74 7.77 -12.00
C GLY A 90 -4.07 9.03 -11.52
N LEU A 91 -4.88 10.05 -11.21
CA LEU A 91 -4.30 11.29 -10.67
C LEU A 91 -3.64 11.03 -9.32
N LEU A 92 -4.27 10.20 -8.47
CA LEU A 92 -3.65 9.85 -7.22
C LEU A 92 -2.30 9.18 -7.46
N MET A 93 -2.26 8.24 -8.40
CA MET A 93 -1.05 7.48 -8.67
C MET A 93 0.04 8.43 -9.16
N SER A 94 -0.32 9.36 -10.04
N SER A 94 -0.33 9.36 -10.04
CA SER A 94 0.70 10.31 -10.52
CA SER A 94 0.63 10.36 -10.55
C SER A 94 1.16 11.25 -9.41
C SER A 94 1.14 11.25 -9.42
N SER A 95 0.29 11.57 -8.44
CA SER A 95 0.71 12.41 -7.32
C SER A 95 1.68 11.69 -6.40
N MET A 96 1.40 10.41 -6.16
CA MET A 96 2.30 9.58 -5.36
C MET A 96 3.66 9.50 -6.07
N ASP A 97 3.63 9.24 -7.38
CA ASP A 97 4.86 9.11 -8.16
C ASP A 97 5.66 10.41 -8.12
N ASP A 98 4.98 11.55 -8.21
CA ASP A 98 5.65 12.86 -8.17
C ASP A 98 6.41 13.02 -6.85
N LEU A 99 5.77 12.65 -5.74
CA LEU A 99 6.50 12.72 -4.47
C LEU A 99 7.73 11.82 -4.47
N ILE A 100 7.57 10.58 -4.93
CA ILE A 100 8.70 9.66 -4.91
C ILE A 100 9.83 10.16 -5.81
N ARG A 101 9.50 10.72 -6.97
N ARG A 101 9.50 10.73 -6.97
CA ARG A 101 10.55 11.22 -7.86
CA ARG A 101 10.54 11.22 -7.87
C ARG A 101 11.33 12.35 -7.22
C ARG A 101 11.32 12.38 -7.25
N HIS A 102 10.66 13.19 -6.42
CA HIS A 102 11.37 14.25 -5.71
C HIS A 102 12.19 13.75 -4.54
N CYS A 103 11.97 12.49 -4.13
CA CYS A 103 12.82 11.83 -3.13
C CYS A 103 14.01 11.05 -3.70
N ASN A 104 14.31 11.16 -4.99
CA ASN A 104 15.31 10.28 -5.59
C ASN A 104 16.63 10.33 -4.83
N GLY A 105 17.10 9.15 -4.42
CA GLY A 105 18.37 9.06 -3.76
C GLY A 105 18.40 9.55 -2.33
N LYS A 106 17.25 9.88 -1.74
CA LYS A 106 17.26 10.35 -0.37
C LYS A 106 16.52 9.45 0.58
N LEU A 107 15.87 8.38 0.08
CA LEU A 107 15.17 7.41 0.93
C LEU A 107 16.11 6.25 1.17
N GLY A 108 16.77 6.26 2.32
CA GLY A 108 17.75 5.21 2.59
C GLY A 108 18.78 5.17 1.48
N SER A 109 19.23 3.96 1.15
CA SER A 109 20.18 3.76 0.06
C SER A 109 19.50 3.24 -1.20
N TYR A 110 18.18 3.37 -1.29
CA TYR A 110 17.42 2.82 -2.39
C TYR A 110 17.52 3.70 -3.63
N LYS A 111 17.38 3.07 -4.79
CA LYS A 111 17.31 3.75 -6.08
C LYS A 111 15.95 3.36 -6.66
N ILE A 112 14.93 4.20 -6.50
CA ILE A 112 13.57 3.85 -6.86
C ILE A 112 13.30 4.23 -8.32
N ASN A 113 13.02 3.21 -9.15
CA ASN A 113 12.85 3.41 -10.59
C ASN A 113 11.47 2.98 -11.09
N GLY A 114 10.67 2.34 -10.25
CA GLY A 114 9.45 1.75 -10.76
C GLY A 114 8.56 1.37 -9.59
N ARG A 115 7.38 0.87 -9.93
CA ARG A 115 6.42 0.47 -8.92
C ARG A 115 5.44 -0.56 -9.50
N THR A 116 4.63 -1.11 -8.60
CA THR A 116 3.51 -1.93 -8.98
C THR A 116 2.39 -1.06 -9.55
N LYS A 117 1.42 -1.72 -10.19
CA LYS A 117 0.10 -1.15 -10.39
C LYS A 117 -0.54 -0.85 -9.03
N ALA A 118 -1.63 -0.08 -9.07
CA ALA A 118 -2.32 0.21 -7.81
C ALA A 118 -3.23 -0.95 -7.43
N MET A 119 -3.21 -1.30 -6.16
CA MET A 119 -4.13 -2.30 -5.61
C MET A 119 -5.25 -1.56 -4.92
N VAL A 120 -6.44 -1.60 -5.49
CA VAL A 120 -7.64 -1.07 -4.86
C VAL A 120 -8.19 -2.20 -4.01
N ALA A 121 -8.31 -1.97 -2.70
CA ALA A 121 -8.68 -3.02 -1.76
C ALA A 121 -9.85 -2.62 -0.88
N CYS A 122 -10.73 -3.59 -0.64
CA CYS A 122 -11.87 -3.42 0.23
C CYS A 122 -11.91 -4.52 1.26
N TYR A 123 -11.98 -4.14 2.53
CA TYR A 123 -12.37 -5.07 3.59
C TYR A 123 -13.86 -4.88 3.78
N PRO A 124 -14.70 -5.86 3.44
CA PRO A 124 -16.15 -5.62 3.40
C PRO A 124 -16.80 -5.81 4.74
N GLY A 125 -16.28 -5.14 5.75
CA GLY A 125 -16.85 -5.26 7.07
C GLY A 125 -16.77 -6.70 7.55
N ASN A 126 -17.75 -7.08 8.37
CA ASN A 126 -17.88 -8.46 8.82
C ASN A 126 -16.66 -8.97 9.56
N GLY A 127 -15.88 -8.08 10.14
CA GLY A 127 -14.74 -8.48 10.90
C GLY A 127 -13.54 -8.89 10.07
N THR A 128 -13.55 -8.65 8.77
CA THR A 128 -12.41 -8.98 7.92
C THR A 128 -11.20 -8.10 8.28
N GLY A 129 -10.01 -8.65 8.09
CA GLY A 129 -8.77 -7.95 8.33
C GLY A 129 -7.63 -8.69 7.71
N TYR A 130 -6.44 -8.46 8.21
CA TYR A 130 -5.22 -9.05 7.64
C TYR A 130 -4.29 -9.34 8.82
N VAL A 131 -3.97 -10.61 9.02
CA VAL A 131 -3.11 -10.99 10.12
C VAL A 131 -1.75 -10.29 10.00
N ARG A 132 -1.02 -10.24 11.12
CA ARG A 132 0.28 -9.58 11.13
C ARG A 132 1.21 -10.17 10.08
N HIS A 133 1.84 -9.31 9.31
CA HIS A 133 2.69 -9.72 8.21
C HIS A 133 3.67 -8.62 7.81
N VAL A 134 4.62 -8.99 6.95
CA VAL A 134 5.60 -8.10 6.33
C VAL A 134 5.28 -8.04 4.85
N ASP A 135 5.32 -6.86 4.27
CA ASP A 135 4.95 -6.74 2.86
C ASP A 135 5.97 -7.43 1.98
N ASN A 136 7.26 -7.26 2.28
CA ASN A 136 8.30 -7.86 1.45
C ASN A 136 9.35 -8.46 2.36
N PRO A 137 9.16 -9.71 2.78
CA PRO A 137 10.10 -10.33 3.72
C PRO A 137 11.33 -10.95 3.08
N ASN A 138 11.25 -11.28 1.78
CA ASN A 138 12.26 -12.14 1.16
C ASN A 138 12.87 -11.51 -0.09
N GLY A 139 12.90 -10.19 -0.18
CA GLY A 139 13.72 -9.57 -1.22
C GLY A 139 13.09 -9.47 -2.59
N ASP A 140 11.79 -9.16 -2.69
CA ASP A 140 11.13 -9.17 -3.99
C ASP A 140 11.23 -7.85 -4.70
N GLY A 141 11.93 -6.88 -4.13
CA GLY A 141 12.13 -5.60 -4.77
C GLY A 141 11.39 -4.46 -4.12
N ARG A 142 10.32 -4.73 -3.39
CA ARG A 142 9.53 -3.66 -2.81
C ARG A 142 10.29 -2.98 -1.65
N CYS A 143 10.44 -1.68 -1.70
CA CYS A 143 11.10 -0.95 -0.63
C CYS A 143 10.20 0.04 0.10
N VAL A 144 9.21 0.63 -0.55
CA VAL A 144 8.29 1.57 0.08
C VAL A 144 6.87 1.19 -0.26
N THR A 145 6.02 1.05 0.75
CA THR A 145 4.59 0.87 0.58
C THR A 145 3.95 2.24 0.72
N CYS A 146 3.04 2.56 -0.21
CA CYS A 146 2.34 3.85 -0.18
C CYS A 146 0.85 3.52 -0.26
N ILE A 147 0.08 4.05 0.68
CA ILE A 147 -1.34 3.73 0.78
C ILE A 147 -2.12 5.02 0.91
N TYR A 148 -3.22 5.13 0.18
CA TYR A 148 -4.16 6.24 0.28
C TYR A 148 -5.46 5.70 0.82
N TYR A 149 -6.01 6.33 1.86
CA TYR A 149 -7.27 5.92 2.43
C TYR A 149 -8.36 6.89 2.03
N LEU A 150 -9.59 6.36 1.91
CA LEU A 150 -10.67 7.13 1.32
C LEU A 150 -12.02 6.95 2.02
N ASN A 151 -12.01 6.73 3.33
CA ASN A 151 -13.21 6.38 4.08
C ASN A 151 -13.75 7.63 4.77
N LYS A 152 -14.65 8.33 4.08
CA LYS A 152 -15.31 9.48 4.64
C LYS A 152 -16.22 8.89 5.72
N ASP A 153 -16.26 9.51 6.87
CA ASP A 153 -17.11 9.03 7.96
C ASP A 153 -16.58 7.86 8.76
N TRP A 154 -15.40 7.35 8.53
CA TRP A 154 -14.87 6.26 9.34
C TRP A 154 -14.69 6.68 10.79
N ASP A 155 -15.26 5.89 11.69
CA ASP A 155 -15.07 6.04 13.14
C ASP A 155 -14.41 4.76 13.62
N ALA A 156 -13.07 4.78 13.75
CA ALA A 156 -12.34 3.55 14.03
C ALA A 156 -12.69 2.96 15.39
N LYS A 157 -13.14 3.79 16.33
CA LYS A 157 -13.49 3.23 17.64
C LYS A 157 -14.68 2.28 17.53
N VAL A 158 -15.53 2.47 16.54
N VAL A 158 -15.53 2.47 16.53
CA VAL A 158 -16.69 1.61 16.29
CA VAL A 158 -16.69 1.59 16.31
C VAL A 158 -16.39 0.59 15.21
C VAL A 158 -16.42 0.59 15.20
N SER A 159 -15.80 1.03 14.12
CA SER A 159 -15.68 0.20 12.93
C SER A 159 -14.35 -0.51 12.79
N GLY A 160 -13.39 -0.22 13.66
CA GLY A 160 -12.12 -0.95 13.64
C GLY A 160 -11.29 -0.58 12.44
N GLY A 161 -10.63 -1.58 11.87
CA GLY A 161 -9.89 -1.33 10.65
C GLY A 161 -8.61 -0.54 10.81
N ILE A 162 -8.06 -0.43 12.00
CA ILE A 162 -6.79 0.26 12.16
C ILE A 162 -5.70 -0.58 11.55
N LEU A 163 -4.82 0.06 10.78
CA LEU A 163 -3.54 -0.54 10.38
C LEU A 163 -2.56 -0.32 11.54
N ARG A 164 -2.24 -1.36 12.28
CA ARG A 164 -1.26 -1.28 13.36
C ARG A 164 0.09 -1.75 12.81
N ILE A 165 1.07 -0.87 12.85
CA ILE A 165 2.44 -1.17 12.43
C ILE A 165 3.28 -1.30 13.68
N PHE A 166 4.21 -2.26 13.66
CA PHE A 166 5.10 -2.52 14.76
C PHE A 166 6.52 -2.20 14.34
N PRO A 167 6.90 -0.94 14.20
CA PRO A 167 8.25 -0.63 13.71
C PRO A 167 9.30 -1.19 14.65
N GLU A 168 10.26 -1.90 14.06
CA GLU A 168 11.32 -2.51 14.83
C GLU A 168 12.11 -1.44 15.60
N GLY A 169 12.40 -1.77 16.86
CA GLY A 169 13.24 -0.95 17.70
C GLY A 169 12.55 0.20 18.39
N LYS A 170 11.24 0.33 18.26
CA LYS A 170 10.52 1.47 18.79
C LYS A 170 9.76 1.07 20.05
N ALA A 171 9.65 2.01 20.97
CA ALA A 171 8.92 1.82 22.22
C ALA A 171 7.42 1.95 22.04
N GLN A 172 6.93 2.12 20.82
CA GLN A 172 5.50 2.22 20.63
C GLN A 172 5.20 1.64 19.27
N PHE A 173 3.97 1.18 19.08
CA PHE A 173 3.54 0.84 17.73
C PHE A 173 2.83 2.06 17.17
N ALA A 174 2.57 2.03 15.88
CA ALA A 174 2.00 3.15 15.13
C ALA A 174 0.61 2.70 14.66
N ASP A 175 -0.43 3.32 15.19
CA ASP A 175 -1.80 3.02 14.80
C ASP A 175 -2.24 4.02 13.75
N ILE A 176 -2.53 3.54 12.55
CA ILE A 176 -2.94 4.36 11.42
C ILE A 176 -4.42 4.07 11.19
N GLU A 177 -5.28 4.98 11.60
CA GLU A 177 -6.68 4.87 11.26
C GLU A 177 -6.80 5.13 9.76
N PRO A 178 -7.73 4.44 9.09
CA PRO A 178 -7.82 4.54 7.61
C PRO A 178 -8.62 5.78 7.18
N LYS A 179 -8.13 6.93 7.61
CA LYS A 179 -8.84 8.21 7.53
C LYS A 179 -8.97 8.74 6.10
N PHE A 180 -10.10 9.36 5.82
CA PHE A 180 -10.32 9.94 4.50
C PHE A 180 -9.18 10.89 4.10
N ASP A 181 -8.65 10.69 2.90
CA ASP A 181 -7.64 11.60 2.30
C ASP A 181 -6.30 11.52 2.99
N ARG A 182 -6.02 10.42 3.67
CA ARG A 182 -4.74 10.21 4.32
C ARG A 182 -3.83 9.42 3.40
N LEU A 183 -2.60 9.88 3.24
CA LEU A 183 -1.55 9.18 2.53
C LEU A 183 -0.53 8.66 3.54
N LEU A 184 -0.08 7.43 3.35
CA LEU A 184 0.84 6.76 4.25
C LEU A 184 1.99 6.18 3.45
N PHE A 185 3.20 6.33 3.95
CA PHE A 185 4.36 5.59 3.42
C PHE A 185 5.01 4.83 4.56
N PHE A 186 5.56 3.65 4.26
CA PHE A 186 6.40 2.93 5.23
C PHE A 186 7.33 1.97 4.50
N TRP A 187 8.49 1.70 5.11
CA TRP A 187 9.38 0.71 4.52
C TRP A 187 8.65 -0.65 4.44
N SER A 188 8.73 -1.29 3.28
CA SER A 188 8.01 -2.54 3.05
C SER A 188 8.66 -3.76 3.67
N ASP A 189 9.93 -3.68 4.07
CA ASP A 189 10.66 -4.85 4.54
C ASP A 189 10.33 -5.19 5.98
N ARG A 190 11.12 -6.10 6.58
CA ARG A 190 10.84 -6.61 7.92
C ARG A 190 10.91 -5.56 9.02
N ARG A 191 11.39 -4.36 8.73
CA ARG A 191 11.33 -3.33 9.77
C ARG A 191 9.90 -3.00 10.20
N ASN A 192 8.89 -3.24 9.36
CA ASN A 192 7.50 -2.80 9.62
C ASN A 192 6.50 -3.96 9.46
N PRO A 193 6.54 -4.95 10.34
CA PRO A 193 5.39 -5.85 10.43
C PRO A 193 4.13 -5.05 10.73
N HIS A 194 2.98 -5.52 10.22
CA HIS A 194 1.76 -4.75 10.39
C HIS A 194 0.56 -5.68 10.24
N GLU A 195 -0.54 -5.28 10.86
CA GLU A 195 -1.80 -5.99 10.78
C GLU A 195 -2.91 -4.98 10.47
N VAL A 196 -3.89 -5.41 9.68
CA VAL A 196 -5.16 -4.70 9.55
C VAL A 196 -6.14 -5.32 10.54
N GLN A 197 -6.47 -4.55 11.57
CA GLN A 197 -7.34 -5.05 12.61
C GLN A 197 -8.76 -5.17 12.07
N PRO A 198 -9.58 -6.05 12.67
CA PRO A 198 -10.89 -6.36 12.08
C PRO A 198 -11.69 -5.11 11.80
N ALA A 199 -12.30 -5.09 10.63
CA ALA A 199 -13.15 -3.99 10.15
C ALA A 199 -14.62 -4.40 10.24
N TYR A 200 -15.45 -3.50 10.74
CA TYR A 200 -16.87 -3.77 10.93
C TYR A 200 -17.76 -2.93 10.02
N ALA A 201 -17.15 -2.13 9.15
CA ALA A 201 -17.83 -1.47 8.05
C ALA A 201 -16.94 -1.58 6.82
N THR A 202 -17.50 -1.23 5.67
CA THR A 202 -16.78 -1.33 4.40
C THR A 202 -15.63 -0.34 4.39
N ARG A 203 -14.42 -0.85 4.19
CA ARG A 203 -13.18 -0.10 4.32
C ARG A 203 -12.40 -0.18 3.01
N TYR A 204 -12.03 0.96 2.48
CA TYR A 204 -11.30 1.01 1.22
C TYR A 204 -9.92 1.67 1.37
N ALA A 205 -8.97 1.21 0.57
CA ALA A 205 -7.60 1.75 0.52
C ALA A 205 -7.02 1.42 -0.83
N ILE A 206 -6.14 2.28 -1.31
CA ILE A 206 -5.44 2.09 -2.58
C ILE A 206 -3.95 2.08 -2.29
N SER A 207 -3.26 0.97 -2.65
CA SER A 207 -1.84 0.80 -2.35
C SER A 207 -1.02 0.71 -3.63
N VAL A 208 0.20 1.25 -3.59
CA VAL A 208 1.22 0.94 -4.57
C VAL A 208 2.48 0.57 -3.81
N TRP A 209 3.34 -0.22 -4.42
CA TRP A 209 4.63 -0.49 -3.83
C TRP A 209 5.72 -0.06 -4.79
N TYR A 210 6.64 0.75 -4.28
CA TYR A 210 7.79 1.27 -5.05
C TYR A 210 8.94 0.28 -4.93
N PHE A 211 9.63 0.04 -6.05
CA PHE A 211 10.74 -0.90 -6.17
C PHE A 211 12.09 -0.22 -6.04
N ASP A 212 13.01 -0.89 -5.35
CA ASP A 212 14.43 -0.60 -5.44
C ASP A 212 14.98 -1.29 -6.68
N ALA A 213 15.69 -0.54 -7.51
CA ALA A 213 16.10 -1.08 -8.81
C ALA A 213 16.93 -2.34 -8.66
N ASP A 214 17.94 -2.32 -7.80
CA ASP A 214 18.86 -3.45 -7.78
C ASP A 214 18.18 -4.68 -7.14
N GLU A 215 17.43 -4.48 -6.06
CA GLU A 215 16.73 -5.61 -5.46
C GLU A 215 15.68 -6.18 -6.42
N ARG A 216 14.93 -5.33 -7.11
CA ARG A 216 13.92 -5.80 -8.04
C ARG A 216 14.56 -6.56 -9.20
N ALA A 217 15.72 -6.09 -9.68
CA ALA A 217 16.44 -6.83 -10.72
C ALA A 217 16.81 -8.22 -10.22
N ARG A 218 17.35 -8.31 -9.01
CA ARG A 218 17.69 -9.64 -8.48
C ARG A 218 16.44 -10.55 -8.37
N ALA A 219 15.32 -9.98 -7.94
CA ALA A 219 14.08 -10.75 -7.81
C ALA A 219 13.58 -11.22 -9.16
N LYS A 220 13.65 -10.36 -10.17
CA LYS A 220 13.24 -10.76 -11.50
C LYS A 220 14.14 -11.85 -12.06
N VAL A 221 15.45 -11.78 -11.79
CA VAL A 221 16.34 -12.85 -12.23
C VAL A 221 15.93 -14.16 -11.60
N LYS A 222 15.61 -14.13 -10.31
CA LYS A 222 15.16 -15.34 -9.62
C LYS A 222 13.91 -15.92 -10.26
N TYR A 223 12.94 -15.06 -10.59
CA TYR A 223 11.71 -15.54 -11.20
C TYR A 223 11.96 -16.09 -12.60
N LEU A 224 12.80 -15.43 -13.39
CA LEU A 224 12.99 -15.81 -14.79
C LEU A 224 13.85 -17.04 -14.96
N THR A 225 14.61 -17.41 -13.95
CA THR A 225 15.39 -18.63 -13.99
C THR A 225 14.71 -19.77 -13.25
N GLY A 226 13.55 -19.55 -12.67
CA GLY A 226 12.88 -20.57 -11.87
C GLY A 226 13.06 -20.31 -10.39
N GLU B 1 10.22 -21.55 12.73
N GLU B 1 11.13 -21.09 11.77
CA GLU B 1 9.76 -20.25 12.26
CA GLU B 1 10.31 -19.89 11.68
C GLU B 1 8.69 -20.50 11.19
C GLU B 1 9.36 -19.99 10.49
N LEU B 2 8.16 -19.41 10.63
CA LEU B 2 7.16 -19.47 9.58
C LEU B 2 7.71 -18.79 8.35
N ASP B 3 7.34 -19.29 7.16
CA ASP B 3 7.78 -18.64 5.93
C ASP B 3 6.91 -17.41 5.71
N LEU B 4 7.47 -16.22 5.94
CA LEU B 4 6.68 -14.99 5.87
C LEU B 4 6.18 -14.71 4.46
N GLU B 5 6.75 -15.33 3.42
CA GLU B 5 6.18 -15.12 2.09
C GLU B 5 4.75 -15.62 2.03
N THR B 6 4.37 -16.55 2.93
CA THR B 6 3.00 -17.07 2.89
C THR B 6 1.99 -16.07 3.44
N LEU B 7 2.46 -14.97 4.05
CA LEU B 7 1.55 -13.95 4.56
C LEU B 7 1.66 -12.65 3.80
N ALA B 8 2.61 -12.55 2.85
CA ALA B 8 2.93 -11.30 2.19
C ALA B 8 1.94 -11.05 1.05
N HYP B 9 1.48 -9.83 0.89
CA HYP B 9 0.47 -9.59 -0.18
C HYP B 9 1.08 -9.75 -1.61
O HYP B 9 2.17 -9.18 -1.90
CB HYP B 9 -0.01 -8.17 0.02
CG HYP B 9 1.04 -7.49 0.87
CD HYP B 9 1.72 -8.57 1.66
OD1 HYP B 9 0.47 -6.49 1.69
HG HYP B 9 1.72 -7.05 0.36
HD22 HYP B 9 2.67 -8.38 1.75
HD23 HYP B 9 1.37 -8.62 2.56
HD1 HYP B 9 1.07 -6.06 2.11
N TYR B 10 0.42 -10.49 -2.43
CA TYR B 10 0.87 -10.74 -3.79
C TYR B 10 1.08 -9.52 -4.66
N ILE B 11 2.14 -9.56 -5.47
CA ILE B 11 2.29 -8.64 -6.59
C ILE B 11 2.70 -9.43 -7.81
N PRO B 12 2.31 -8.95 -8.99
CA PRO B 12 2.76 -9.61 -10.22
C PRO B 12 4.27 -9.66 -10.29
N MET B 13 4.83 -10.82 -10.61
CA MET B 13 6.27 -10.88 -10.80
C MET B 13 6.68 -10.80 -12.27
N ASP B 14 5.76 -11.15 -13.19
CA ASP B 14 5.89 -11.18 -14.64
C ASP B 14 5.37 -9.86 -15.19
N GLY B 15 5.27 -9.75 -16.51
CA GLY B 15 5.00 -8.43 -17.04
C GLY B 15 6.19 -7.55 -16.78
N GLU B 16 5.98 -6.23 -16.95
CA GLU B 16 7.06 -5.27 -16.74
C GLU B 16 7.20 -4.80 -15.31
N ASP B 17 6.16 -4.13 -14.83
CA ASP B 17 6.19 -3.17 -13.73
C ASP B 17 6.12 -1.77 -14.36
N PHE B 18 5.59 -0.80 -13.65
CA PHE B 18 5.51 0.57 -14.17
C PHE B 18 6.82 1.31 -13.95
N GLN B 19 7.34 1.98 -14.98
CA GLN B 19 8.62 2.69 -14.89
C GLN B 19 8.37 4.17 -14.66
N LEU B 20 9.06 4.72 -13.65
CA LEU B 20 8.86 6.11 -13.25
C LEU B 20 9.66 7.07 -14.09
C ACT C . -9.37 -12.15 8.40
O ACT C . -8.33 -12.74 7.85
OXT ACT C . -9.57 -11.91 9.59
CH3 ACT C . -10.33 -11.58 7.53
H1 ACT C . -10.93 -12.28 7.21
H2 ACT C . -9.88 -11.16 6.77
H3 ACT C . -10.84 -10.91 8.01
C ACT D . -4.17 -1.11 4.80
O ACT D . -4.06 -0.44 5.84
OXT ACT D . -5.12 -1.10 4.00
CH3 ACT D . -3.04 -2.11 4.44
H1 ACT D . -3.39 -3.02 4.46
H2 ACT D . -2.32 -2.02 5.08
H3 ACT D . -2.71 -1.91 3.55
#